data_5WJM
#
_entry.id   5WJM
#
_cell.length_a   122.476
_cell.length_b   122.476
_cell.length_c   43.603
_cell.angle_alpha   90.00
_cell.angle_beta   90.00
_cell.angle_gamma   90.00
#
_symmetry.space_group_name_H-M   'P 43 21 2'
#
loop_
_entity.id
_entity.type
_entity.pdbx_description
1 polymer Cadherin-23
2 non-polymer 'CALCIUM ION'
3 non-polymer 'POTASSIUM ION'
4 non-polymer (4S)-2-METHYL-2,4-PENTANEDIOL
5 water water
#
_entity_poly.entity_id   1
_entity_poly.type   'polypeptide(L)'
_entity_poly.pdbx_seq_one_letter_code
;MDNVPTFPRDYEGPFDVTEGQPGPRVWTFLAHDRDSGPNGQVEYSVVDGDPLGEFVISPVEGVLRVRKDVELDRETIAFY
NLTICARDRGVPPLSSTMLVGIRVLDINDNDPVLLNLPMNVTISENSPVSSFVAHVLASDADSGCNALLTFNITAGNRER
AFFINATTGIVTVNRPLDRERIPEYRLTVSVKDNPENPRIARKDFDLLLVSLADENDLEHHHHHH
;
_entity_poly.pdbx_strand_id   A
#
loop_
_chem_comp.id
_chem_comp.type
_chem_comp.name
_chem_comp.formula
CA non-polymer 'CALCIUM ION' 'Ca 2'
K non-polymer 'POTASSIUM ION' 'K 1'
MPD non-polymer (4S)-2-METHYL-2,4-PENTANEDIOL 'C6 H14 O2'
#
# COMPACT_ATOMS: atom_id res chain seq x y z
N ASP A 2 -38.56 -26.50 -15.26
CA ASP A 2 -37.19 -25.90 -15.03
C ASP A 2 -37.11 -25.12 -13.72
N ASN A 3 -36.14 -25.49 -12.86
CA ASN A 3 -35.83 -24.76 -11.62
C ASN A 3 -34.62 -23.87 -11.82
N VAL A 4 -34.64 -22.69 -11.21
CA VAL A 4 -33.57 -21.71 -11.31
C VAL A 4 -32.36 -22.22 -10.53
N PRO A 5 -31.13 -22.09 -11.10
CA PRO A 5 -29.97 -22.42 -10.27
C PRO A 5 -29.75 -21.37 -9.17
N THR A 6 -29.84 -21.75 -7.90
CA THR A 6 -29.73 -20.79 -6.78
C THR A 6 -28.41 -20.91 -5.98
N PHE A 7 -27.82 -19.75 -5.68
CA PHE A 7 -26.61 -19.68 -4.82
C PHE A 7 -27.02 -19.68 -3.34
N PRO A 8 -26.34 -20.45 -2.48
CA PRO A 8 -26.50 -20.39 -1.02
C PRO A 8 -26.60 -18.99 -0.40
N ARG A 9 -25.76 -18.06 -0.86
CA ARG A 9 -25.70 -16.70 -0.32
C ARG A 9 -25.65 -15.66 -1.44
N ASP A 10 -26.28 -14.51 -1.22
CA ASP A 10 -26.25 -13.40 -2.17
C ASP A 10 -24.94 -12.65 -2.21
N TYR A 11 -24.18 -12.72 -1.12
CA TYR A 11 -22.85 -12.12 -1.03
C TYR A 11 -21.92 -13.02 -0.21
N GLU A 12 -20.68 -13.18 -0.68
CA GLU A 12 -19.65 -13.97 0.01
C GLU A 12 -18.38 -13.09 -0.04
N GLY A 13 -17.74 -12.86 1.10
CA GLY A 13 -16.55 -11.98 1.19
C GLY A 13 -16.24 -11.49 2.60
N PRO A 14 -15.04 -10.96 2.84
CA PRO A 14 -14.05 -10.66 1.80
C PRO A 14 -13.07 -11.83 1.53
N PHE A 15 -12.60 -11.94 0.28
CA PHE A 15 -11.58 -12.92 -0.08
C PHE A 15 -10.24 -12.22 -0.29
N ASP A 16 -9.24 -12.60 0.50
CA ASP A 16 -7.93 -11.98 0.42
C ASP A 16 -7.11 -12.53 -0.74
N VAL A 17 -6.76 -11.62 -1.65
CA VAL A 17 -5.76 -11.87 -2.66
C VAL A 17 -4.69 -10.78 -2.49
N THR A 18 -3.42 -11.18 -2.60
CA THR A 18 -2.30 -10.26 -2.40
C THR A 18 -1.80 -9.72 -3.73
N GLU A 19 -1.51 -8.42 -3.80
CA GLU A 19 -1.00 -7.84 -5.04
C GLU A 19 0.36 -8.47 -5.38
N GLY A 20 0.69 -8.47 -6.67
CA GLY A 20 2.01 -8.96 -7.15
C GLY A 20 2.11 -10.47 -7.29
N GLN A 21 0.97 -11.14 -7.11
CA GLN A 21 0.86 -12.57 -6.98
C GLN A 21 0.24 -13.03 -8.31
N PRO A 22 0.96 -13.87 -9.11
CA PRO A 22 0.50 -14.21 -10.47
C PRO A 22 -0.57 -15.28 -10.44
N GLY A 23 -1.66 -15.03 -11.16
CA GLY A 23 -2.84 -15.89 -11.28
C GLY A 23 -3.34 -16.77 -10.15
N PRO A 24 -3.50 -16.25 -8.92
CA PRO A 24 -3.96 -17.13 -7.82
C PRO A 24 -5.43 -17.57 -7.86
N ARG A 25 -5.70 -18.79 -7.38
CA ARG A 25 -7.07 -19.26 -7.13
C ARG A 25 -7.63 -18.43 -6.00
N VAL A 26 -8.93 -18.15 -6.04
CA VAL A 26 -9.63 -17.46 -4.95
C VAL A 26 -10.50 -18.46 -4.16
N TRP A 27 -11.56 -18.98 -4.78
CA TRP A 27 -12.49 -19.88 -4.12
C TRP A 27 -13.45 -20.52 -5.17
N THR A 28 -14.17 -21.56 -4.74
CA THR A 28 -15.17 -22.23 -5.56
C THR A 28 -16.59 -21.72 -5.23
N PHE A 29 -17.42 -21.49 -6.24
CA PHE A 29 -18.80 -20.98 -6.06
C PHE A 29 -19.80 -21.82 -6.85
N LEU A 30 -20.68 -22.53 -6.14
CA LEU A 30 -21.66 -23.41 -6.78
C LEU A 30 -23.10 -23.01 -6.61
N ALA A 31 -23.85 -23.09 -7.71
CA ALA A 31 -25.28 -22.95 -7.70
C ALA A 31 -25.95 -24.32 -7.59
N HIS A 32 -26.94 -24.47 -6.72
CA HIS A 32 -27.72 -25.71 -6.63
C HIS A 32 -28.78 -25.75 -7.73
N ASP A 33 -28.86 -26.88 -8.44
CA ASP A 33 -29.79 -27.12 -9.55
C ASP A 33 -29.80 -28.62 -9.81
N ARG A 34 -30.85 -29.30 -9.33
CA ARG A 34 -30.94 -30.76 -9.45
C ARG A 34 -31.86 -31.19 -10.62
N ASP A 35 -31.96 -30.36 -11.66
CA ASP A 35 -32.73 -30.74 -12.84
C ASP A 35 -31.96 -31.73 -13.73
N SER A 36 -32.72 -32.43 -14.58
CA SER A 36 -32.18 -33.38 -15.57
C SER A 36 -31.77 -32.70 -16.87
N GLY A 37 -30.76 -33.28 -17.51
CA GLY A 37 -30.44 -32.97 -18.90
C GLY A 37 -29.93 -31.56 -19.05
N PRO A 38 -30.43 -30.84 -20.07
CA PRO A 38 -30.05 -29.43 -20.24
C PRO A 38 -30.59 -28.45 -19.19
N ASN A 39 -31.68 -28.78 -18.49
CA ASN A 39 -32.23 -27.83 -17.52
C ASN A 39 -31.42 -27.75 -16.24
N GLY A 40 -30.49 -28.70 -16.07
CA GLY A 40 -29.49 -28.63 -14.99
C GLY A 40 -28.03 -28.64 -15.46
N GLN A 41 -27.74 -28.11 -16.65
CA GLN A 41 -26.36 -27.86 -17.04
C GLN A 41 -26.09 -26.42 -16.70
N VAL A 42 -25.37 -26.21 -15.61
CA VAL A 42 -25.06 -24.88 -15.13
C VAL A 42 -23.72 -24.46 -15.69
N GLU A 43 -23.66 -23.26 -16.22
CA GLU A 43 -22.41 -22.64 -16.63
C GLU A 43 -22.17 -21.38 -15.77
N TYR A 44 -20.92 -21.14 -15.38
CA TYR A 44 -20.56 -19.96 -14.57
C TYR A 44 -19.78 -18.93 -15.37
N SER A 45 -19.87 -17.68 -14.95
CA SER A 45 -19.20 -16.58 -15.63
C SER A 45 -19.13 -15.35 -14.74
N VAL A 46 -18.07 -14.56 -14.86
CA VAL A 46 -17.97 -13.27 -14.18
C VAL A 46 -18.58 -12.17 -15.06
N VAL A 47 -19.81 -11.76 -14.76
CA VAL A 47 -20.53 -10.80 -15.65
C VAL A 47 -20.41 -9.26 -15.38
N ASP A 48 -20.08 -8.85 -14.15
CA ASP A 48 -19.81 -7.44 -13.83
C ASP A 48 -18.71 -7.32 -12.76
N GLY A 49 -18.04 -6.18 -12.72
CA GLY A 49 -17.10 -5.86 -11.66
C GLY A 49 -15.65 -6.02 -12.00
N ASP A 50 -15.32 -6.51 -13.19
CA ASP A 50 -13.94 -6.78 -13.56
C ASP A 50 -13.55 -5.94 -14.78
N PRO A 51 -13.35 -4.61 -14.59
CA PRO A 51 -13.18 -3.72 -15.71
C PRO A 51 -11.87 -3.90 -16.50
N LEU A 52 -10.82 -4.48 -15.91
CA LEU A 52 -9.56 -4.70 -16.63
C LEU A 52 -9.36 -6.14 -17.14
N GLY A 53 -10.41 -6.96 -17.05
CA GLY A 53 -10.32 -8.37 -17.40
C GLY A 53 -9.43 -9.27 -16.55
N GLU A 54 -9.17 -8.91 -15.29
CA GLU A 54 -8.23 -9.65 -14.43
C GLU A 54 -8.70 -11.02 -13.84
N PHE A 55 -10.00 -11.30 -13.92
CA PHE A 55 -10.59 -12.47 -13.27
C PHE A 55 -11.34 -13.36 -14.25
N VAL A 56 -11.43 -14.63 -13.88
CA VAL A 56 -12.25 -15.61 -14.60
C VAL A 56 -12.76 -16.73 -13.66
N ILE A 57 -13.96 -17.23 -13.97
CA ILE A 57 -14.50 -18.40 -13.27
C ILE A 57 -14.63 -19.57 -14.28
N SER A 58 -14.05 -20.72 -13.93
CA SER A 58 -14.05 -21.89 -14.81
C SER A 58 -15.49 -22.35 -14.97
N PRO A 59 -15.95 -22.52 -16.24
CA PRO A 59 -17.38 -22.58 -16.51
C PRO A 59 -18.15 -23.75 -15.89
N VAL A 60 -17.51 -24.90 -15.68
CA VAL A 60 -18.22 -26.03 -15.08
C VAL A 60 -17.90 -26.22 -13.59
N GLU A 61 -16.63 -26.17 -13.23
CA GLU A 61 -16.14 -26.38 -11.84
C GLU A 61 -16.54 -25.29 -10.84
N GLY A 62 -16.67 -24.06 -11.34
CA GLY A 62 -17.04 -22.91 -10.49
C GLY A 62 -15.89 -22.29 -9.71
N VAL A 63 -14.65 -22.52 -10.15
CA VAL A 63 -13.47 -22.00 -9.50
C VAL A 63 -13.12 -20.62 -10.05
N LEU A 64 -13.29 -19.61 -9.20
CA LEU A 64 -12.81 -18.26 -9.45
C LEU A 64 -11.30 -18.13 -9.20
N ARG A 65 -10.61 -17.56 -10.20
CA ARG A 65 -9.23 -17.21 -10.09
C ARG A 65 -8.94 -15.83 -10.68
N VAL A 66 -7.81 -15.28 -10.29
CA VAL A 66 -7.14 -14.24 -11.06
C VAL A 66 -6.56 -15.01 -12.22
N ARG A 67 -6.64 -14.41 -13.41
CA ARG A 67 -6.15 -15.04 -14.65
C ARG A 67 -4.70 -15.43 -14.61
N LYS A 68 -4.37 -16.49 -15.34
CA LYS A 68 -2.98 -16.92 -15.50
C LYS A 68 -2.15 -15.77 -16.08
N ASP A 69 -0.97 -15.54 -15.49
CA ASP A 69 -0.02 -14.48 -15.90
C ASP A 69 -0.43 -13.01 -15.55
N VAL A 70 -1.55 -12.83 -14.82
CA VAL A 70 -2.04 -11.51 -14.38
C VAL A 70 -1.75 -11.35 -12.87
N GLU A 71 -1.19 -10.20 -12.48
CA GLU A 71 -0.91 -9.85 -11.07
C GLU A 71 -1.88 -8.73 -10.71
N LEU A 72 -2.52 -8.78 -9.54
CA LEU A 72 -3.30 -7.63 -9.08
C LEU A 72 -2.38 -6.51 -8.55
N ASP A 73 -2.92 -5.28 -8.44
CA ASP A 73 -2.21 -4.07 -7.96
C ASP A 73 -3.14 -3.19 -7.10
N ARG A 74 -2.89 -3.16 -5.80
CA ARG A 74 -3.72 -2.41 -4.85
C ARG A 74 -3.80 -0.90 -5.11
N GLU A 75 -2.71 -0.33 -5.62
CA GLU A 75 -2.65 1.12 -5.90
C GLU A 75 -3.53 1.57 -7.12
N THR A 76 -3.94 0.65 -8.02
CA THR A 76 -4.91 0.98 -9.08
C THR A 76 -6.31 0.49 -8.69
N ILE A 77 -6.43 -0.73 -8.19
CA ILE A 77 -7.71 -1.19 -7.61
C ILE A 77 -7.49 -1.96 -6.32
N ALA A 78 -8.14 -1.48 -5.25
CA ALA A 78 -7.98 -2.05 -3.89
C ALA A 78 -9.05 -3.09 -3.52
N PHE A 79 -10.17 -3.11 -4.27
CA PHE A 79 -11.29 -3.98 -3.92
C PHE A 79 -12.13 -4.26 -5.13
N TYR A 80 -12.71 -5.45 -5.21
CA TYR A 80 -13.51 -5.84 -6.36
C TYR A 80 -14.83 -6.38 -5.87
N ASN A 81 -15.91 -5.99 -6.52
CA ASN A 81 -17.22 -6.60 -6.30
C ASN A 81 -17.61 -7.34 -7.59
N LEU A 82 -17.24 -8.63 -7.66
CA LEU A 82 -17.48 -9.44 -8.82
C LEU A 82 -18.87 -10.02 -8.74
N THR A 83 -19.69 -9.76 -9.77
CA THR A 83 -20.95 -10.46 -9.96
C THR A 83 -20.67 -11.77 -10.73
N ILE A 84 -20.96 -12.88 -10.07
CA ILE A 84 -20.92 -14.20 -10.68
C ILE A 84 -22.32 -14.54 -11.16
N CYS A 85 -22.43 -15.12 -12.36
CA CYS A 85 -23.68 -15.61 -12.95
C CYS A 85 -23.60 -17.12 -13.12
N ALA A 86 -24.65 -17.81 -12.70
CA ALA A 86 -24.87 -19.21 -13.00
C ALA A 86 -26.12 -19.29 -13.90
N ARG A 87 -25.98 -19.83 -15.11
CA ARG A 87 -27.10 -19.98 -16.05
C ARG A 87 -27.23 -21.43 -16.46
N ASP A 88 -28.47 -21.94 -16.52
CA ASP A 88 -28.74 -23.28 -17.07
C ASP A 88 -28.96 -23.20 -18.58
N ARG A 89 -29.08 -24.36 -19.22
CA ARG A 89 -29.36 -24.47 -20.66
C ARG A 89 -30.81 -24.87 -20.98
N GLY A 90 -31.76 -24.38 -20.18
CA GLY A 90 -33.19 -24.54 -20.44
C GLY A 90 -33.70 -23.46 -21.37
N VAL A 91 -34.99 -23.53 -21.72
CA VAL A 91 -35.57 -22.61 -22.69
C VAL A 91 -36.90 -22.08 -22.15
N PRO A 92 -36.95 -20.83 -21.66
CA PRO A 92 -35.80 -19.90 -21.59
C PRO A 92 -34.73 -20.29 -20.54
N PRO A 93 -33.48 -19.83 -20.73
CA PRO A 93 -32.47 -20.13 -19.74
C PRO A 93 -32.67 -19.32 -18.48
N LEU A 94 -32.71 -20.02 -17.34
CA LEU A 94 -32.86 -19.39 -16.04
C LEU A 94 -31.49 -19.12 -15.42
N SER A 95 -31.42 -18.09 -14.59
CA SER A 95 -30.15 -17.72 -13.99
C SER A 95 -30.30 -16.95 -12.69
N SER A 96 -29.22 -16.96 -11.93
CA SER A 96 -29.14 -16.32 -10.63
C SER A 96 -27.75 -15.70 -10.59
N THR A 97 -27.57 -14.67 -9.78
CA THR A 97 -26.24 -14.07 -9.57
C THR A 97 -25.96 -13.90 -8.11
N MET A 98 -24.69 -14.00 -7.73
CA MET A 98 -24.19 -13.58 -6.39
C MET A 98 -23.06 -12.57 -6.53
N LEU A 99 -22.66 -12.01 -5.40
CA LEU A 99 -21.59 -11.02 -5.32
C LEU A 99 -20.40 -11.60 -4.57
N VAL A 100 -19.21 -11.38 -5.09
CA VAL A 100 -17.98 -11.79 -4.41
C VAL A 100 -17.07 -10.58 -4.15
N GLY A 101 -16.80 -10.28 -2.88
CA GLY A 101 -15.89 -9.20 -2.52
C GLY A 101 -14.46 -9.72 -2.50
N ILE A 102 -13.56 -9.11 -3.27
CA ILE A 102 -12.13 -9.44 -3.22
C ILE A 102 -11.40 -8.25 -2.64
N ARG A 103 -10.76 -8.44 -1.49
CA ARG A 103 -9.89 -7.41 -0.91
C ARG A 103 -8.47 -7.64 -1.38
N VAL A 104 -7.91 -6.65 -2.06
CA VAL A 104 -6.52 -6.68 -2.51
C VAL A 104 -5.56 -6.28 -1.35
N LEU A 105 -4.86 -7.27 -0.81
CA LEU A 105 -3.90 -7.06 0.29
C LEU A 105 -2.61 -6.43 -0.23
N ASP A 106 -2.11 -5.45 0.53
CA ASP A 106 -0.98 -4.60 0.13
C ASP A 106 0.36 -5.31 0.27
N ILE A 107 1.27 -5.12 -0.67
CA ILE A 107 2.69 -5.42 -0.41
C ILE A 107 3.45 -4.09 -0.43
N ASN A 108 4.72 -4.12 -0.01
CA ASN A 108 5.54 -2.91 0.03
C ASN A 108 6.29 -2.74 -1.29
N ASP A 109 5.61 -2.12 -2.24
CA ASP A 109 6.10 -2.01 -3.58
C ASP A 109 6.24 -0.54 -4.00
N ASN A 110 6.29 0.35 -3.01
CA ASN A 110 6.42 1.80 -3.25
C ASN A 110 7.40 2.40 -2.23
N ASP A 111 8.44 3.06 -2.74
CA ASP A 111 9.40 3.79 -1.92
C ASP A 111 8.71 4.95 -1.21
N PRO A 112 9.14 5.29 0.02
CA PRO A 112 8.71 6.59 0.54
C PRO A 112 9.36 7.70 -0.26
N VAL A 113 8.78 8.90 -0.25
CA VAL A 113 9.42 10.03 -0.91
C VAL A 113 9.51 11.19 0.06
N LEU A 114 10.67 11.85 0.11
CA LEU A 114 10.80 13.10 0.83
C LEU A 114 10.18 14.21 -0.01
N LEU A 115 9.28 14.97 0.59
CA LEU A 115 8.55 16.00 -0.15
C LEU A 115 9.20 17.37 -0.11
N ASN A 116 9.86 17.72 0.99
CA ASN A 116 10.39 19.08 1.15
C ASN A 116 11.90 19.12 1.34
N LEU A 117 12.60 18.04 1.01
CA LEU A 117 14.06 18.08 0.96
C LEU A 117 14.51 17.88 -0.49
N PRO A 118 15.65 18.48 -0.91
CA PRO A 118 16.59 19.17 -0.04
C PRO A 118 16.09 20.52 0.46
N MET A 119 16.63 20.94 1.61
CA MET A 119 16.27 22.21 2.27
C MET A 119 17.53 22.82 2.90
N ASN A 120 17.58 24.16 2.90
CA ASN A 120 18.65 24.94 3.53
C ASN A 120 17.99 25.81 4.62
N VAL A 121 18.39 25.62 5.87
CA VAL A 121 17.80 26.36 6.99
C VAL A 121 18.90 27.16 7.63
N THR A 122 18.54 28.29 8.23
CA THR A 122 19.50 29.17 8.89
C THR A 122 19.06 29.45 10.33
N ILE A 123 19.90 29.10 11.29
CA ILE A 123 19.60 29.38 12.69
C ILE A 123 20.69 30.19 13.40
N SER A 124 20.33 30.77 14.55
CA SER A 124 21.30 31.41 15.44
C SER A 124 22.31 30.36 15.93
N GLU A 125 23.60 30.71 15.97
CA GLU A 125 24.59 29.85 16.63
C GLU A 125 24.25 29.65 18.11
N ASN A 126 23.62 30.66 18.70
CA ASN A 126 23.14 30.61 20.08
C ASN A 126 21.77 29.94 20.22
N SER A 127 21.24 29.29 19.19
CA SER A 127 19.95 28.62 19.33
C SER A 127 20.07 27.60 20.48
N PRO A 128 19.15 27.66 21.46
CA PRO A 128 19.26 26.72 22.60
C PRO A 128 18.83 25.31 22.26
N VAL A 129 19.24 24.35 23.08
CA VAL A 129 18.87 22.96 22.87
C VAL A 129 17.35 22.88 22.79
N SER A 130 16.84 22.03 21.91
CA SER A 130 15.38 21.81 21.69
C SER A 130 14.70 22.82 20.77
N SER A 131 15.43 23.84 20.31
CA SER A 131 14.92 24.79 19.31
C SER A 131 14.54 24.10 18.01
N PHE A 132 13.50 24.63 17.37
CA PHE A 132 13.03 24.17 16.05
C PHE A 132 13.98 24.51 14.90
N VAL A 133 14.32 23.50 14.11
CA VAL A 133 15.13 23.64 12.91
C VAL A 133 14.31 23.41 11.63
N ALA A 134 13.76 22.22 11.48
CA ALA A 134 12.93 21.95 10.30
C ALA A 134 11.91 20.90 10.60
N HIS A 135 10.86 20.86 9.77
CA HIS A 135 9.86 19.80 9.79
C HIS A 135 9.94 19.03 8.48
N VAL A 136 10.55 17.85 8.53
CA VAL A 136 10.67 16.98 7.34
C VAL A 136 9.34 16.26 7.07
N LEU A 137 8.97 16.20 5.78
CA LEU A 137 7.68 15.65 5.32
C LEU A 137 7.88 14.57 4.25
N ALA A 138 7.01 13.58 4.26
CA ALA A 138 7.10 12.49 3.32
C ALA A 138 5.76 11.87 3.06
N SER A 139 5.66 11.17 1.93
CA SER A 139 4.50 10.33 1.59
C SER A 139 4.90 8.94 1.07
N ASP A 140 3.94 8.02 1.12
CA ASP A 140 4.10 6.60 0.70
C ASP A 140 2.76 6.06 0.16
N ALA A 141 2.80 5.53 -1.04
CA ALA A 141 1.59 5.12 -1.75
C ALA A 141 0.95 3.83 -1.20
N ASP A 142 1.72 3.05 -0.42
CA ASP A 142 1.25 1.80 0.20
C ASP A 142 0.24 2.13 1.33
N SER A 143 -0.25 1.10 1.99
CA SER A 143 -1.15 1.25 3.14
C SER A 143 -0.55 0.55 4.34
N GLY A 144 -1.21 0.72 5.50
CA GLY A 144 -0.82 0.06 6.75
C GLY A 144 0.62 0.33 7.13
N CYS A 145 1.27 -0.70 7.71
CA CYS A 145 2.68 -0.60 8.14
CA CYS A 145 2.66 -0.57 8.16
C CYS A 145 3.64 -0.33 6.97
N ASN A 146 3.21 -0.63 5.73
CA ASN A 146 4.03 -0.36 4.52
C ASN A 146 4.11 1.12 4.12
N ALA A 147 3.28 1.96 4.76
CA ALA A 147 3.37 3.41 4.58
C ALA A 147 3.56 4.16 5.90
N LEU A 148 3.87 3.43 6.98
CA LEU A 148 4.18 4.06 8.27
C LEU A 148 5.65 4.49 8.23
N LEU A 149 5.90 5.80 8.27
CA LEU A 149 7.24 6.34 8.03
C LEU A 149 8.01 6.72 9.30
N THR A 150 9.31 6.44 9.27
CA THR A 150 10.25 6.69 10.38
C THR A 150 11.40 7.54 9.84
N PHE A 151 11.75 8.61 10.57
CA PHE A 151 12.88 9.47 10.21
C PHE A 151 14.11 9.23 11.08
N ASN A 152 15.28 9.50 10.51
CA ASN A 152 16.54 9.58 11.26
C ASN A 152 17.65 10.26 10.45
N ILE A 153 18.66 10.78 11.14
CA ILE A 153 19.78 11.48 10.51
C ILE A 153 20.88 10.45 10.36
N THR A 154 21.28 10.14 9.12
CA THR A 154 22.23 9.05 8.85
C THR A 154 23.67 9.53 8.66
N ALA A 155 23.88 10.83 8.44
CA ALA A 155 25.22 11.32 8.15
C ALA A 155 25.38 12.81 8.33
N GLY A 156 26.53 13.21 8.86
CA GLY A 156 26.91 14.61 8.96
C GLY A 156 26.48 15.26 10.25
N ASN A 157 26.03 14.48 11.22
CA ASN A 157 25.53 15.02 12.47
C ASN A 157 26.63 15.11 13.52
N ARG A 158 27.57 16.03 13.30
CA ARG A 158 28.83 16.08 14.04
C ARG A 158 28.69 16.51 15.50
N GLU A 159 29.26 15.68 16.39
CA GLU A 159 29.14 15.81 17.83
C GLU A 159 27.66 15.81 18.26
N ARG A 160 26.87 14.90 17.69
CA ARG A 160 25.43 14.79 17.94
C ARG A 160 24.71 16.12 18.14
N ALA A 161 24.91 17.02 17.17
CA ALA A 161 24.44 18.41 17.23
C ALA A 161 22.96 18.63 16.89
N PHE A 162 22.33 17.67 16.24
CA PHE A 162 20.88 17.71 16.02
C PHE A 162 20.20 16.42 16.39
N PHE A 163 18.89 16.50 16.50
CA PHE A 163 18.05 15.36 16.82
C PHE A 163 16.84 15.43 15.92
N ILE A 164 16.33 14.29 15.49
CA ILE A 164 15.11 14.22 14.71
C ILE A 164 14.20 13.20 15.39
N ASN A 165 12.96 13.62 15.62
CA ASN A 165 11.92 12.77 16.15
C ASN A 165 11.55 11.73 15.09
N ALA A 166 11.67 10.45 15.41
CA ALA A 166 11.40 9.37 14.46
C ALA A 166 9.98 9.37 13.86
N THR A 167 8.99 9.81 14.65
CA THR A 167 7.59 9.76 14.23
C THR A 167 7.24 10.99 13.41
N THR A 168 7.54 12.17 13.95
CA THR A 168 7.10 13.45 13.39
C THR A 168 7.99 13.97 12.27
N GLY A 169 9.29 13.68 12.34
CA GLY A 169 10.25 14.24 11.40
C GLY A 169 10.72 15.67 11.71
N ILE A 170 10.53 16.10 12.97
CA ILE A 170 10.90 17.45 13.41
C ILE A 170 12.34 17.42 13.86
N VAL A 171 13.17 18.26 13.24
CA VAL A 171 14.57 18.37 13.58
C VAL A 171 14.72 19.49 14.59
N THR A 172 15.47 19.23 15.65
CA THR A 172 15.69 20.21 16.71
C THR A 172 17.18 20.23 17.07
N VAL A 173 17.60 21.27 17.75
CA VAL A 173 18.98 21.39 18.22
C VAL A 173 19.15 20.49 19.45
N ASN A 174 20.23 19.71 19.48
CA ASN A 174 20.47 18.67 20.53
C ASN A 174 21.60 19.01 21.53
N ARG A 175 22.63 19.70 21.06
CA ARG A 175 23.73 20.18 21.89
C ARG A 175 23.85 21.65 21.63
N PRO A 176 24.63 22.37 22.46
CA PRO A 176 25.02 23.74 22.13
C PRO A 176 25.83 23.83 20.83
N LEU A 177 25.67 24.94 20.13
CA LEU A 177 26.28 25.17 18.84
C LEU A 177 27.25 26.35 18.92
N ASP A 178 28.35 26.30 18.17
CA ASP A 178 29.26 27.45 17.97
C ASP A 178 29.62 27.55 16.49
N ARG A 179 29.50 28.75 15.92
CA ARG A 179 29.79 28.97 14.52
C ARG A 179 31.29 28.95 14.26
N GLU A 180 32.07 29.27 15.28
CA GLU A 180 33.51 29.37 15.12
C GLU A 180 34.15 27.98 15.15
N ARG A 181 33.49 27.01 15.79
CA ARG A 181 33.86 25.58 15.67
C ARG A 181 33.36 24.98 14.37
N ILE A 182 32.03 24.96 14.18
CA ILE A 182 31.41 24.38 12.99
C ILE A 182 30.30 25.29 12.49
N PRO A 183 30.51 25.93 11.33
CA PRO A 183 29.56 26.92 10.80
C PRO A 183 28.36 26.36 10.04
N GLU A 184 28.44 25.10 9.61
CA GLU A 184 27.50 24.54 8.65
C GLU A 184 27.44 23.03 8.88
N TYR A 185 26.24 22.44 8.76
CA TYR A 185 26.07 21.01 8.91
C TYR A 185 25.36 20.45 7.68
N ARG A 186 25.96 19.45 7.04
CA ARG A 186 25.32 18.76 5.93
C ARG A 186 24.77 17.49 6.50
N LEU A 187 23.49 17.53 6.84
CA LEU A 187 22.79 16.39 7.39
C LEU A 187 22.16 15.58 6.25
N THR A 188 22.38 14.28 6.29
CA THR A 188 21.62 13.36 5.46
C THR A 188 20.43 12.85 6.29
N VAL A 189 19.23 13.28 5.92
CA VAL A 189 17.99 12.80 6.55
C VAL A 189 17.44 11.65 5.71
N SER A 190 16.99 10.59 6.38
CA SER A 190 16.50 9.37 5.75
C SER A 190 15.13 9.08 6.27
N VAL A 191 14.19 8.83 5.37
CA VAL A 191 12.86 8.37 5.76
C VAL A 191 12.74 6.93 5.30
N LYS A 192 12.26 6.05 6.16
CA LYS A 192 12.00 4.68 5.78
C LYS A 192 10.61 4.22 6.18
N ASP A 193 10.03 3.30 5.40
CA ASP A 193 8.80 2.62 5.83
C ASP A 193 9.15 1.44 6.76
N ASN A 194 8.11 0.88 7.36
CA ASN A 194 8.27 -0.13 8.42
C ASN A 194 7.37 -1.31 8.14
N PRO A 195 7.67 -2.10 7.09
CA PRO A 195 6.88 -3.29 6.82
C PRO A 195 7.08 -4.34 7.90
N GLU A 196 6.19 -5.33 7.98
CA GLU A 196 6.34 -6.45 8.94
C GLU A 196 7.76 -7.01 8.90
N ASN A 197 8.23 -7.25 7.69
CA ASN A 197 9.57 -7.76 7.46
C ASN A 197 10.51 -6.62 7.08
N PRO A 198 11.41 -6.20 8.01
CA PRO A 198 12.26 -5.05 7.70
C PRO A 198 13.33 -5.29 6.64
N ARG A 199 13.62 -6.56 6.29
CA ARG A 199 14.50 -6.85 5.15
C ARG A 199 14.01 -6.25 3.79
N ILE A 200 12.70 -6.04 3.61
CA ILE A 200 12.16 -5.33 2.41
C ILE A 200 11.82 -3.84 2.60
N ALA A 201 12.31 -3.22 3.67
CA ALA A 201 11.97 -1.83 3.97
C ALA A 201 12.60 -0.96 2.92
N ARG A 202 11.86 0.03 2.43
CA ARG A 202 12.34 0.96 1.40
C ARG A 202 12.56 2.35 2.01
N LYS A 203 13.48 3.12 1.43
CA LYS A 203 13.91 4.41 1.98
C LYS A 203 14.07 5.49 0.93
N ASP A 204 14.19 6.74 1.40
CA ASP A 204 14.59 7.92 0.59
C ASP A 204 15.55 8.76 1.46
N PHE A 205 16.67 9.20 0.88
CA PHE A 205 17.65 10.07 1.53
CA PHE A 205 17.60 10.10 1.55
C PHE A 205 17.71 11.42 0.78
N ASP A 206 18.06 12.49 1.49
CA ASP A 206 18.33 13.83 0.89
C ASP A 206 18.90 14.82 1.95
N LEU A 207 19.46 15.90 1.46
CA LEU A 207 20.20 16.85 2.25
C LEU A 207 19.32 17.80 3.02
N LEU A 208 19.60 17.96 4.31
CA LEU A 208 19.17 19.11 5.09
C LEU A 208 20.44 19.88 5.52
N LEU A 209 20.64 21.07 4.94
CA LEU A 209 21.83 21.89 5.22
C LEU A 209 21.48 22.96 6.26
N VAL A 210 22.17 22.92 7.40
CA VAL A 210 21.93 23.86 8.47
C VAL A 210 23.14 24.79 8.62
N SER A 211 22.91 26.08 8.34
CA SER A 211 23.94 27.14 8.32
C SER A 211 23.73 28.06 9.52
N LEU A 212 24.77 28.28 10.33
CA LEU A 212 24.62 29.06 11.55
C LEU A 212 24.93 30.55 11.30
N ALA A 213 23.99 31.42 11.66
CA ALA A 213 24.22 32.86 11.63
C ALA A 213 25.13 33.35 12.77
N ASP A 214 25.99 34.33 12.50
CA ASP A 214 26.91 34.83 13.53
C ASP A 214 26.17 35.57 14.67
N GLU A 215 26.77 35.49 15.86
CA GLU A 215 26.40 36.28 17.05
C GLU A 215 27.68 36.63 17.84
N ASN A 216 27.51 37.28 18.98
CA ASN A 216 28.63 37.62 19.88
C ASN A 216 29.32 36.40 20.49
N ASP A 217 30.41 36.67 21.23
CA ASP A 217 31.21 35.67 21.93
C ASP A 217 31.82 36.29 23.19
CA CA B . -32.41 -25.47 -13.98
CA CA C . 1.35 -2.18 -6.66
CA CA D . 1.43 -1.60 -2.18
CA CA E . 6.05 1.71 1.09
CA CA F . 30.37 34.64 16.77
CA CA G . 29.74 31.74 19.53
K K H . 14.13 11.50 -3.58
C1 MPD I . -16.32 -0.39 -6.76
C2 MPD I . -16.61 -1.74 -7.43
O2 MPD I . -16.24 -2.72 -6.48
CM MPD I . -18.12 -1.94 -7.76
C3 MPD I . -15.74 -1.87 -8.70
C4 MPD I . -14.65 -2.95 -8.64
O4 MPD I . -15.23 -4.24 -8.77
C5 MPD I . -13.62 -2.75 -9.75
C1 MPD J . 17.38 16.77 23.94
C2 MPD J . 16.57 16.50 22.68
O2 MPD J . 17.16 17.29 21.64
CM MPD J . 16.64 15.03 22.28
C3 MPD J . 15.09 16.88 22.88
C4 MPD J . 14.69 18.20 22.25
O4 MPD J . 15.02 18.21 20.86
C5 MPD J . 13.18 18.45 22.38
#